data_4UJ7
#
_entry.id   4UJ7
#
_cell.length_a   49.096
_cell.length_b   43.753
_cell.length_c   49.715
_cell.angle_alpha   90.00
_cell.angle_beta   103.78
_cell.angle_gamma   90.00
#
_symmetry.space_group_name_H-M   'P 1 21 1'
#
loop_
_entity.id
_entity.type
_entity.pdbx_description
1 polymer 'SURFACE LAYER PROTEIN'
2 non-polymer 'CALCIUM ION'
3 water water
#
_entity_poly.entity_id   1
_entity_poly.type   'polypeptide(L)'
_entity_poly.pdbx_seq_one_letter_code
;VTKTIPVTVKANPVLETIAVDSTGVSVAKGQKATFKVTLKDQYGNKFTGNVNVTSDKTETATVSVSNSGIGQSEYTVTVN
GVAEGSTTITIKSGTKEVKVPVNVVAGGPVANYQIKVLDDGKIDKSATESPANNDVQLKVYAVDANGNIVGDITNDVTIT
SEATDTNGVIVNASKSTANGDTVYVITDNGSKKVGKETLTVKLGTVTLGTVDVEVIDTT
;
_entity_poly.pdbx_strand_id   A
#
loop_
_chem_comp.id
_chem_comp.type
_chem_comp.name
_chem_comp.formula
CA non-polymer 'CALCIUM ION' 'Ca 2'
#
# COMPACT_ATOMS: atom_id res chain seq x y z
N ASN A 12 -20.60 22.58 9.77
CA ASN A 12 -19.30 22.61 9.05
C ASN A 12 -18.46 21.35 9.35
N PRO A 13 -17.79 20.80 8.31
CA PRO A 13 -17.04 19.55 8.51
C PRO A 13 -15.90 19.69 9.51
N VAL A 14 -15.79 18.69 10.38
CA VAL A 14 -14.74 18.59 11.38
CA VAL A 14 -14.68 18.59 11.32
C VAL A 14 -14.18 17.16 11.30
N LEU A 15 -12.91 16.94 11.68
CA LEU A 15 -12.40 15.56 11.76
C LEU A 15 -13.20 14.71 12.75
N GLU A 16 -13.70 13.55 12.29
CA GLU A 16 -14.48 12.63 13.12
C GLU A 16 -13.79 11.26 13.35
N THR A 17 -13.20 10.71 12.29
CA THR A 17 -12.69 9.33 12.30
C THR A 17 -11.32 9.36 11.59
N ILE A 18 -10.31 8.77 12.22
CA ILE A 18 -9.05 8.41 11.52
C ILE A 18 -9.24 6.97 11.06
N ALA A 19 -9.78 6.79 9.86
CA ALA A 19 -10.04 5.46 9.33
C ALA A 19 -8.73 4.76 8.95
N VAL A 20 -8.70 3.44 9.18
CA VAL A 20 -7.52 2.63 8.88
CA VAL A 20 -7.52 2.61 8.92
C VAL A 20 -7.95 1.32 8.23
N ASP A 21 -7.13 0.83 7.31
CA ASP A 21 -7.45 -0.41 6.60
C ASP A 21 -6.79 -1.67 7.17
N SER A 22 -6.32 -1.54 8.41
CA SER A 22 -5.68 -2.63 9.16
C SER A 22 -6.29 -2.68 10.55
N THR A 23 -6.42 -3.88 11.11
CA THR A 23 -6.77 -4.02 12.53
CA THR A 23 -6.78 -4.06 12.50
C THR A 23 -5.55 -4.42 13.35
N GLY A 24 -4.40 -4.42 12.70
CA GLY A 24 -3.15 -4.78 13.39
C GLY A 24 -2.10 -5.23 12.41
N VAL A 25 -0.87 -4.83 12.69
CA VAL A 25 0.24 -5.19 11.84
C VAL A 25 0.90 -6.44 12.38
N SER A 26 1.21 -7.37 11.48
CA SER A 26 1.87 -8.64 11.82
C SER A 26 3.06 -8.81 10.90
N VAL A 27 4.26 -8.68 11.45
CA VAL A 27 5.46 -8.62 10.62
C VAL A 27 6.64 -9.39 11.25
N ALA A 28 7.44 -10.06 10.43
CA ALA A 28 8.68 -10.66 10.92
C ALA A 28 9.73 -9.60 11.23
N LYS A 29 10.57 -9.87 12.24
CA LYS A 29 11.78 -9.07 12.47
C LYS A 29 12.53 -8.87 11.16
N GLY A 30 12.88 -7.62 10.87
CA GLY A 30 13.61 -7.25 9.66
C GLY A 30 12.74 -6.98 8.44
N GLN A 31 11.43 -7.20 8.56
CA GLN A 31 10.51 -6.87 7.47
C GLN A 31 9.76 -5.57 7.74
N LYS A 32 9.19 -4.99 6.70
CA LYS A 32 8.29 -3.86 6.87
C LYS A 32 6.92 -4.20 6.31
N ALA A 33 5.91 -3.52 6.83
CA ALA A 33 4.53 -3.66 6.35
C ALA A 33 3.88 -2.28 6.25
N THR A 34 2.88 -2.14 5.39
CA THR A 34 2.20 -0.85 5.26
C THR A 34 0.71 -0.98 5.51
N PHE A 35 0.09 0.14 5.88
CA PHE A 35 -1.37 0.25 5.89
C PHE A 35 -1.78 1.68 5.57
N LYS A 36 -3.06 1.87 5.29
CA LYS A 36 -3.56 3.16 4.87
C LYS A 36 -4.45 3.83 5.88
N VAL A 37 -4.26 5.13 5.98
CA VAL A 37 -5.09 5.99 6.82
C VAL A 37 -5.91 6.90 5.92
N THR A 38 -7.19 7.07 6.26
CA THR A 38 -8.03 8.06 5.58
CA THR A 38 -8.03 8.05 5.58
C THR A 38 -8.80 8.88 6.61
N LEU A 39 -8.56 10.19 6.60
CA LEU A 39 -9.21 11.10 7.55
C LEU A 39 -10.61 11.42 7.07
N LYS A 40 -11.61 11.26 7.94
CA LYS A 40 -13.00 11.47 7.55
C LYS A 40 -13.74 12.44 8.47
N ASP A 41 -14.63 13.23 7.88
CA ASP A 41 -15.49 14.10 8.66
C ASP A 41 -16.71 13.35 9.22
N GLN A 42 -17.60 14.09 9.88
CA GLN A 42 -18.76 13.48 10.55
C GLN A 42 -19.79 12.93 9.56
N TYR A 43 -19.65 13.31 8.30
CA TYR A 43 -20.54 12.84 7.23
C TYR A 43 -19.93 11.69 6.41
N GLY A 44 -18.71 11.28 6.79
CA GLY A 44 -18.06 10.18 6.12
C GLY A 44 -17.25 10.56 4.89
N ASN A 45 -17.15 11.87 4.63
CA ASN A 45 -16.37 12.36 3.49
C ASN A 45 -14.92 12.66 3.87
N LYS A 46 -14.04 12.65 2.88
N LYS A 46 -14.04 12.66 2.88
CA LYS A 46 -12.61 12.89 3.13
CA LYS A 46 -12.61 12.91 3.10
C LYS A 46 -12.40 14.28 3.75
C LYS A 46 -12.37 14.29 3.71
N PHE A 47 -11.46 14.34 4.67
CA PHE A 47 -11.15 15.58 5.38
C PHE A 47 -9.64 15.76 5.35
N THR A 48 -9.17 16.95 4.92
CA THR A 48 -7.74 17.24 4.89
C THR A 48 -7.25 17.65 6.27
N GLY A 49 -6.21 16.96 6.75
CA GLY A 49 -5.62 17.30 8.04
C GLY A 49 -4.26 16.63 8.15
N ASN A 50 -3.49 17.05 9.14
CA ASN A 50 -2.13 16.50 9.34
C ASN A 50 -2.15 15.41 10.37
N VAL A 51 -1.17 14.50 10.31
CA VAL A 51 -1.10 13.36 11.23
CA VAL A 51 -1.12 13.37 11.22
C VAL A 51 0.29 13.13 11.80
N ASN A 52 0.32 12.69 13.06
CA ASN A 52 1.50 12.15 13.71
C ASN A 52 1.37 10.67 13.89
N VAL A 53 2.47 9.97 13.70
CA VAL A 53 2.57 8.54 13.95
C VAL A 53 3.74 8.29 14.88
N THR A 54 3.48 7.52 15.92
CA THR A 54 4.49 7.19 16.92
CA THR A 54 4.47 7.21 16.96
C THR A 54 4.36 5.74 17.34
N SER A 55 5.49 5.08 17.49
CA SER A 55 5.55 3.74 18.05
C SER A 55 5.77 3.88 19.54
N ASP A 56 5.06 3.09 20.31
N ASP A 56 5.01 3.13 20.33
CA ASP A 56 5.15 3.22 21.74
CA ASP A 56 5.14 3.14 21.80
C ASP A 56 6.28 2.36 22.32
C ASP A 56 6.47 2.57 22.25
N LYS A 57 7.02 1.67 21.44
CA LYS A 57 8.24 0.93 21.76
C LYS A 57 9.15 0.79 20.51
N THR A 58 10.02 1.78 20.31
CA THR A 58 10.85 1.81 19.11
C THR A 58 11.87 0.67 19.01
N GLU A 59 12.22 0.06 20.15
CA GLU A 59 13.11 -1.10 20.13
CA GLU A 59 13.10 -1.11 20.15
C GLU A 59 12.43 -2.32 19.50
N THR A 60 11.09 -2.32 19.49
CA THR A 60 10.28 -3.38 18.88
C THR A 60 9.94 -3.07 17.42
N ALA A 61 9.41 -1.87 17.18
CA ALA A 61 9.04 -1.45 15.82
C ALA A 61 9.19 0.06 15.68
N THR A 62 9.62 0.49 14.49
CA THR A 62 9.60 1.91 14.16
C THR A 62 8.56 2.22 13.10
N VAL A 63 8.24 3.50 12.92
CA VAL A 63 7.12 3.88 12.07
C VAL A 63 7.38 5.19 11.33
N SER A 64 6.82 5.30 10.13
CA SER A 64 6.88 6.54 9.39
C SER A 64 5.59 6.72 8.59
N VAL A 65 5.37 7.91 8.07
CA VAL A 65 4.13 8.21 7.35
C VAL A 65 4.43 9.00 6.07
N SER A 66 3.67 8.68 5.02
CA SER A 66 3.90 9.33 3.72
C SER A 66 3.62 10.83 3.73
N ASN A 67 4.24 11.54 2.79
CA ASN A 67 4.15 13.00 2.69
C ASN A 67 4.46 13.70 4.01
N SER A 68 5.28 13.06 4.83
CA SER A 68 5.57 13.56 6.19
C SER A 68 4.32 13.97 6.95
N GLY A 69 3.22 13.28 6.67
CA GLY A 69 1.97 13.47 7.43
C GLY A 69 1.26 14.81 7.26
N ILE A 70 1.52 15.53 6.16
CA ILE A 70 0.88 16.84 5.95
C ILE A 70 0.08 16.92 4.66
N GLY A 71 -0.94 17.77 4.71
CA GLY A 71 -1.61 18.29 3.52
C GLY A 71 -2.56 17.40 2.76
N GLN A 72 -2.88 16.22 3.32
CA GLN A 72 -3.69 15.24 2.61
C GLN A 72 -4.84 14.74 3.45
N SER A 73 -5.74 13.99 2.83
CA SER A 73 -6.77 13.26 3.57
C SER A 73 -6.45 11.77 3.65
N GLU A 74 -5.48 11.29 2.88
CA GLU A 74 -5.07 9.89 2.83
C GLU A 74 -3.55 9.81 2.99
N TYR A 75 -3.09 8.86 3.81
CA TYR A 75 -1.65 8.63 4.04
C TYR A 75 -1.36 7.14 4.11
N THR A 76 -0.14 6.77 3.77
CA THR A 76 0.37 5.42 3.97
C THR A 76 1.31 5.40 5.16
N VAL A 77 1.05 4.51 6.10
CA VAL A 77 1.91 4.33 7.28
C VAL A 77 2.78 3.10 7.05
N THR A 78 4.08 3.22 7.31
CA THR A 78 5.03 2.10 7.19
C THR A 78 5.53 1.70 8.55
N VAL A 79 5.46 0.40 8.86
CA VAL A 79 5.95 -0.14 10.13
C VAL A 79 7.15 -1.06 9.87
N ASN A 80 8.26 -0.81 10.57
CA ASN A 80 9.47 -1.60 10.45
C ASN A 80 9.64 -2.50 11.66
N GLY A 81 9.68 -3.81 11.42
CA GLY A 81 9.89 -4.79 12.51
C GLY A 81 11.35 -4.84 12.90
N VAL A 82 11.65 -4.35 14.11
CA VAL A 82 13.04 -4.24 14.59
C VAL A 82 13.45 -5.42 15.47
N ALA A 83 12.62 -5.75 16.45
CA ALA A 83 12.87 -6.91 17.34
C ALA A 83 11.57 -7.59 17.77
N GLU A 84 11.62 -8.89 18.02
CA GLU A 84 10.44 -9.62 18.45
C GLU A 84 9.79 -8.98 19.68
N GLY A 85 8.47 -8.88 19.65
CA GLY A 85 7.70 -8.23 20.70
C GLY A 85 6.40 -7.66 20.17
N SER A 86 5.60 -7.12 21.08
CA SER A 86 4.36 -6.46 20.74
C SER A 86 4.38 -5.01 21.18
N THR A 87 3.72 -4.16 20.40
CA THR A 87 3.57 -2.74 20.75
C THR A 87 2.36 -2.13 20.05
N THR A 88 2.29 -0.80 19.99
CA THR A 88 1.19 -0.12 19.32
C THR A 88 1.74 1.07 18.54
N ILE A 89 1.13 1.36 17.38
CA ILE A 89 1.34 2.62 16.64
C ILE A 89 0.19 3.56 17.02
N THR A 90 0.53 4.73 17.54
CA THR A 90 -0.48 5.74 17.83
C THR A 90 -0.50 6.75 16.68
N ILE A 91 -1.67 6.92 16.07
CA ILE A 91 -1.86 7.89 15.00
C ILE A 91 -2.75 8.99 15.57
N LYS A 92 -2.26 10.23 15.56
CA LYS A 92 -2.98 11.35 16.19
C LYS A 92 -3.14 12.52 15.23
N SER A 93 -4.33 13.13 15.29
CA SER A 93 -4.60 14.38 14.59
C SER A 93 -5.54 15.22 15.45
N GLY A 94 -5.08 16.37 15.93
CA GLY A 94 -5.88 17.18 16.84
C GLY A 94 -6.25 16.36 18.06
N THR A 95 -7.56 16.30 18.36
CA THR A 95 -8.07 15.59 19.52
C THR A 95 -8.35 14.12 19.25
N LYS A 96 -8.13 13.67 18.02
CA LYS A 96 -8.52 12.31 17.59
C LYS A 96 -7.31 11.42 17.54
N GLU A 97 -7.48 10.16 17.93
CA GLU A 97 -6.40 9.18 17.87
C GLU A 97 -6.88 7.77 17.61
N VAL A 98 -6.04 6.99 16.92
CA VAL A 98 -6.24 5.54 16.81
CA VAL A 98 -6.24 5.54 16.81
C VAL A 98 -4.94 4.83 17.19
N LYS A 99 -5.05 3.81 18.05
CA LYS A 99 -3.92 2.97 18.43
C LYS A 99 -4.02 1.63 17.70
N VAL A 100 -3.04 1.34 16.85
CA VAL A 100 -3.06 0.16 15.98
C VAL A 100 -2.08 -0.86 16.55
N PRO A 101 -2.56 -2.08 16.89
CA PRO A 101 -1.69 -3.13 17.39
C PRO A 101 -0.57 -3.48 16.41
N VAL A 102 0.60 -3.80 16.96
CA VAL A 102 1.75 -4.30 16.18
C VAL A 102 2.36 -5.52 16.85
N ASN A 103 2.56 -6.58 16.07
CA ASN A 103 3.23 -7.77 16.55
CA ASN A 103 3.22 -7.80 16.53
C ASN A 103 4.40 -8.10 15.63
N VAL A 104 5.60 -8.17 16.22
CA VAL A 104 6.81 -8.52 15.49
C VAL A 104 7.21 -9.92 15.91
N VAL A 105 7.34 -10.81 14.94
CA VAL A 105 7.55 -12.23 15.22
C VAL A 105 8.85 -12.73 14.57
N ALA A 106 9.24 -13.95 14.91
CA ALA A 106 10.35 -14.60 14.24
C ALA A 106 10.01 -14.85 12.78
N GLY A 107 8.80 -15.33 12.55
CA GLY A 107 8.33 -15.64 11.20
C GLY A 107 8.51 -17.10 10.82
N GLY A 108 7.42 -17.72 10.39
CA GLY A 108 7.45 -19.10 9.93
C GLY A 108 7.69 -19.23 8.43
N PRO A 109 7.65 -20.46 7.89
CA PRO A 109 7.85 -20.65 6.46
C PRO A 109 6.70 -20.06 5.64
N VAL A 110 6.95 -19.77 4.37
CA VAL A 110 5.93 -19.18 3.51
C VAL A 110 4.73 -20.12 3.33
N ALA A 111 3.52 -19.57 3.54
CA ALA A 111 2.27 -20.31 3.35
C ALA A 111 1.56 -19.84 2.08
N ASN A 112 1.44 -18.52 1.90
CA ASN A 112 0.92 -17.95 0.67
C ASN A 112 1.48 -16.57 0.36
N TYR A 113 0.95 -15.93 -0.68
CA TYR A 113 1.47 -14.66 -1.17
C TYR A 113 0.36 -13.63 -1.23
N GLN A 114 0.73 -12.37 -1.05
CA GLN A 114 -0.20 -11.27 -1.18
C GLN A 114 0.34 -10.31 -2.23
N ILE A 115 -0.51 -10.01 -3.20
CA ILE A 115 -0.24 -9.00 -4.22
C ILE A 115 -0.89 -7.71 -3.73
N LYS A 116 -0.04 -6.74 -3.43
CA LYS A 116 -0.46 -5.52 -2.78
C LYS A 116 -0.46 -4.31 -3.72
N VAL A 117 -1.59 -3.62 -3.81
CA VAL A 117 -1.68 -2.35 -4.57
C VAL A 117 -1.43 -1.20 -3.62
N LEU A 118 -0.35 -0.45 -3.85
CA LEU A 118 0.07 0.60 -2.91
C LEU A 118 -0.68 1.92 -3.10
N ASP A 119 -1.07 2.20 -4.34
CA ASP A 119 -1.78 3.43 -4.68
C ASP A 119 -3.28 3.15 -4.82
N ASP A 120 -3.95 3.88 -5.71
CA ASP A 120 -5.39 3.65 -5.97
C ASP A 120 -5.71 2.53 -6.96
N GLY A 121 -4.68 1.95 -7.58
CA GLY A 121 -4.92 0.88 -8.57
C GLY A 121 -5.38 1.38 -9.93
N LYS A 122 -5.33 2.70 -10.12
N LYS A 122 -5.34 2.69 -10.13
CA LYS A 122 -5.81 3.35 -11.33
CA LYS A 122 -5.83 3.33 -11.34
C LYS A 122 -4.71 4.15 -12.02
C LYS A 122 -4.73 4.16 -12.02
N ILE A 123 -4.80 4.20 -13.35
CA ILE A 123 -3.97 5.06 -14.20
C ILE A 123 -4.93 5.94 -15.00
N ASP A 124 -4.77 7.26 -14.88
CA ASP A 124 -5.69 8.21 -15.50
C ASP A 124 -5.08 8.73 -16.80
N LYS A 125 -5.59 8.25 -17.94
CA LYS A 125 -5.02 8.62 -19.24
C LYS A 125 -5.43 10.02 -19.71
N SER A 126 -6.16 10.75 -18.88
CA SER A 126 -6.39 12.19 -19.11
CA SER A 126 -6.39 12.17 -19.16
C SER A 126 -5.06 12.89 -19.18
N ALA A 127 -5.00 13.99 -19.94
CA ALA A 127 -3.80 14.79 -20.06
C ALA A 127 -3.61 15.78 -18.90
N THR A 128 -4.66 16.03 -18.11
CA THR A 128 -4.60 17.13 -17.14
C THR A 128 -5.10 16.88 -15.70
N GLU A 129 -5.27 15.64 -15.29
CA GLU A 129 -5.80 15.41 -13.93
C GLU A 129 -4.86 15.98 -12.86
N SER A 130 -5.44 16.50 -11.78
CA SER A 130 -4.68 17.04 -10.66
C SER A 130 -5.28 16.47 -9.37
N PRO A 131 -4.46 15.76 -8.57
CA PRO A 131 -3.04 15.47 -8.76
C PRO A 131 -2.82 14.49 -9.91
N ALA A 132 -1.62 14.50 -10.49
CA ALA A 132 -1.27 13.54 -11.54
C ALA A 132 -1.46 12.11 -11.02
N ASN A 133 -2.00 11.23 -11.85
CA ASN A 133 -2.32 9.87 -11.43
C ASN A 133 -1.96 8.91 -12.55
N ASN A 134 -0.66 8.76 -12.78
CA ASN A 134 -0.19 8.11 -14.00
C ASN A 134 0.46 6.76 -13.81
N ASP A 135 0.32 6.18 -12.63
CA ASP A 135 0.84 4.84 -12.42
C ASP A 135 0.02 4.00 -11.47
N VAL A 136 0.38 2.72 -11.41
CA VAL A 136 0.01 1.84 -10.31
C VAL A 136 1.32 1.32 -9.76
N GLN A 137 1.36 1.14 -8.44
N GLN A 137 1.38 1.14 -8.44
CA GLN A 137 2.54 0.61 -7.77
CA GLN A 137 2.56 0.64 -7.76
C GLN A 137 2.17 -0.67 -7.03
C GLN A 137 2.21 -0.65 -7.00
N LEU A 138 2.94 -1.72 -7.28
CA LEU A 138 2.67 -3.05 -6.71
C LEU A 138 3.86 -3.59 -5.92
N LYS A 139 3.54 -4.29 -4.82
CA LYS A 139 4.52 -5.16 -4.17
C LYS A 139 3.93 -6.56 -4.05
N VAL A 140 4.81 -7.55 -3.94
CA VAL A 140 4.38 -8.92 -3.68
C VAL A 140 5.05 -9.40 -2.40
N TYR A 141 4.25 -9.79 -1.41
CA TYR A 141 4.75 -10.30 -0.12
C TYR A 141 4.62 -11.80 0.02
N ALA A 142 5.60 -12.40 0.69
CA ALA A 142 5.48 -13.75 1.22
C ALA A 142 4.92 -13.70 2.66
N VAL A 143 3.97 -14.60 2.94
CA VAL A 143 3.20 -14.57 4.18
CA VAL A 143 3.24 -14.55 4.22
C VAL A 143 3.22 -15.95 4.84
N ASP A 144 3.52 -16.02 6.14
CA ASP A 144 3.52 -17.33 6.82
C ASP A 144 2.10 -17.78 7.17
N ALA A 145 1.98 -18.97 7.77
CA ALA A 145 0.66 -19.56 8.01
C ALA A 145 -0.22 -18.74 8.94
N ASN A 146 0.41 -17.94 9.80
CA ASN A 146 -0.28 -17.08 10.78
C ASN A 146 -0.58 -15.68 10.27
N GLY A 147 -0.26 -15.43 9.00
CA GLY A 147 -0.57 -14.14 8.36
C GLY A 147 0.50 -13.09 8.54
N ASN A 148 1.68 -13.49 9.00
CA ASN A 148 2.79 -12.53 9.14
C ASN A 148 3.56 -12.35 7.85
N ILE A 149 3.90 -11.10 7.53
CA ILE A 149 4.73 -10.84 6.37
CA ILE A 149 4.74 -10.80 6.39
C ILE A 149 6.16 -11.27 6.70
N VAL A 150 6.64 -12.25 5.94
CA VAL A 150 7.98 -12.80 6.17
C VAL A 150 8.98 -12.44 5.08
N GLY A 151 8.52 -11.89 3.96
CA GLY A 151 9.45 -11.42 2.93
C GLY A 151 8.76 -10.55 1.91
N ASP A 152 9.52 -9.61 1.33
CA ASP A 152 9.07 -8.83 0.19
C ASP A 152 9.78 -9.41 -1.04
N ILE A 153 9.01 -10.09 -1.88
CA ILE A 153 9.55 -10.84 -3.02
C ILE A 153 9.31 -10.14 -4.35
N THR A 154 9.03 -8.85 -4.28
CA THR A 154 8.74 -8.06 -5.51
C THR A 154 9.82 -8.18 -6.57
N ASN A 155 11.08 -8.20 -6.14
CA ASN A 155 12.19 -8.31 -7.07
C ASN A 155 12.33 -9.70 -7.71
N ASP A 156 11.73 -10.71 -7.07
CA ASP A 156 11.88 -12.11 -7.51
C ASP A 156 10.83 -12.52 -8.53
N VAL A 157 9.73 -11.79 -8.59
CA VAL A 157 8.60 -12.15 -9.42
C VAL A 157 8.71 -11.49 -10.79
N THR A 158 7.93 -11.99 -11.74
CA THR A 158 7.75 -11.32 -13.02
C THR A 158 6.25 -11.00 -13.17
N ILE A 159 5.93 -9.78 -13.59
CA ILE A 159 4.54 -9.35 -13.77
C ILE A 159 4.33 -8.95 -15.23
N THR A 160 3.33 -9.54 -15.86
CA THR A 160 3.05 -9.33 -17.28
C THR A 160 1.56 -9.12 -17.55
N SER A 161 1.27 -8.45 -18.65
CA SER A 161 -0.08 -8.38 -19.18
C SER A 161 -0.17 -9.27 -20.42
N GLU A 162 -1.36 -9.37 -20.99
CA GLU A 162 -1.55 -10.16 -22.21
C GLU A 162 -0.53 -9.79 -23.30
N ALA A 163 -0.01 -10.79 -23.99
CA ALA A 163 1.00 -10.61 -25.02
C ALA A 163 0.50 -9.80 -26.21
N THR A 164 -0.74 -10.05 -26.62
CA THR A 164 -1.41 -9.37 -27.73
C THR A 164 -2.60 -8.63 -27.10
N ASP A 165 -2.75 -7.34 -27.37
CA ASP A 165 -3.88 -6.58 -26.82
C ASP A 165 -5.20 -7.03 -27.38
N THR A 166 -6.18 -7.25 -26.50
CA THR A 166 -7.51 -7.67 -26.95
C THR A 166 -8.63 -6.79 -26.43
N ASN A 167 -8.29 -5.70 -25.72
CA ASN A 167 -9.28 -4.82 -25.11
C ASN A 167 -9.02 -3.32 -25.19
N GLY A 168 -7.96 -2.90 -25.89
CA GLY A 168 -7.67 -1.46 -26.02
C GLY A 168 -7.04 -0.80 -24.79
N VAL A 169 -6.73 -1.61 -23.77
CA VAL A 169 -6.05 -1.13 -22.57
C VAL A 169 -4.66 -1.73 -22.58
N ILE A 170 -3.65 -0.88 -22.61
CA ILE A 170 -2.28 -1.32 -22.82
C ILE A 170 -1.39 -0.65 -21.78
N VAL A 171 -0.68 -1.48 -21.00
CA VAL A 171 0.20 -0.96 -19.95
C VAL A 171 1.58 -1.58 -19.99
N ASN A 172 2.56 -0.85 -19.47
CA ASN A 172 3.90 -1.38 -19.23
C ASN A 172 4.11 -1.67 -17.78
N ALA A 173 4.85 -2.72 -17.49
CA ALA A 173 5.15 -3.13 -16.11
C ALA A 173 6.65 -3.21 -15.98
N SER A 174 7.21 -2.49 -15.00
CA SER A 174 8.67 -2.40 -14.87
CA SER A 174 8.67 -2.47 -14.86
C SER A 174 9.12 -2.41 -13.41
N LYS A 175 10.12 -3.22 -13.07
CA LYS A 175 10.69 -3.22 -11.72
C LYS A 175 11.54 -1.99 -11.51
N SER A 176 11.30 -1.29 -10.41
CA SER A 176 12.09 -0.13 -10.06
C SER A 176 12.72 -0.39 -8.70
N THR A 177 14.05 -0.53 -8.69
CA THR A 177 14.78 -0.98 -7.50
C THR A 177 15.78 0.08 -7.07
N ALA A 178 15.71 0.44 -5.80
CA ALA A 178 16.68 1.38 -5.23
C ALA A 178 16.90 1.04 -3.79
N ASN A 179 18.17 1.10 -3.36
CA ASN A 179 18.52 0.90 -1.95
C ASN A 179 17.96 -0.42 -1.41
N GLY A 180 17.93 -1.45 -2.26
CA GLY A 180 17.44 -2.76 -1.89
C GLY A 180 15.93 -2.95 -1.86
N ASP A 181 15.17 -1.90 -2.19
CA ASP A 181 13.70 -1.99 -2.21
C ASP A 181 13.16 -1.94 -3.64
N THR A 182 12.26 -2.87 -3.97
CA THR A 182 11.71 -2.95 -5.32
C THR A 182 10.20 -2.69 -5.36
N VAL A 183 9.77 -1.82 -6.27
CA VAL A 183 8.34 -1.61 -6.55
C VAL A 183 8.11 -1.96 -8.02
N TYR A 184 7.00 -2.65 -8.32
CA TYR A 184 6.65 -2.88 -9.73
C TYR A 184 5.74 -1.72 -10.17
N VAL A 185 6.19 -0.96 -11.16
CA VAL A 185 5.52 0.27 -11.57
C VAL A 185 4.82 0.02 -12.89
N ILE A 186 3.51 0.28 -12.88
CA ILE A 186 2.66 0.07 -14.06
C ILE A 186 2.30 1.43 -14.65
N THR A 187 2.51 1.61 -15.95
CA THR A 187 2.17 2.89 -16.61
C THR A 187 1.42 2.63 -17.91
N ASP A 188 0.71 3.64 -18.40
CA ASP A 188 0.00 3.57 -19.69
C ASP A 188 1.02 3.42 -20.81
N ASN A 189 0.67 2.59 -21.80
CA ASN A 189 1.45 2.46 -23.03
C ASN A 189 0.52 2.51 -24.24
N GLY A 190 -0.09 3.65 -24.46
CA GLY A 190 -0.97 3.87 -25.63
C GLY A 190 -2.36 3.26 -25.58
N SER A 191 -2.95 3.17 -24.38
CA SER A 191 -4.35 2.72 -24.25
C SER A 191 -5.29 3.58 -25.08
N LYS A 192 -6.17 2.93 -25.84
CA LYS A 192 -7.20 3.64 -26.59
CA LYS A 192 -7.21 3.65 -26.59
C LYS A 192 -8.54 3.69 -25.85
N LYS A 193 -8.72 2.77 -24.91
CA LYS A 193 -9.97 2.64 -24.17
C LYS A 193 -9.70 2.62 -22.68
N VAL A 194 -10.75 2.89 -21.90
CA VAL A 194 -10.70 2.69 -20.46
C VAL A 194 -11.10 1.24 -20.15
N GLY A 195 -10.68 0.74 -18.99
CA GLY A 195 -11.16 -0.56 -18.51
C GLY A 195 -10.13 -1.26 -17.65
N LYS A 196 -10.42 -2.50 -17.30
CA LYS A 196 -9.53 -3.35 -16.54
C LYS A 196 -8.51 -4.05 -17.42
N GLU A 197 -7.29 -4.20 -16.88
CA GLU A 197 -6.26 -5.02 -17.51
C GLU A 197 -5.71 -6.00 -16.49
N THR A 198 -5.77 -7.29 -16.80
CA THR A 198 -5.31 -8.33 -15.89
C THR A 198 -3.79 -8.50 -15.95
N LEU A 199 -3.12 -8.34 -14.81
CA LEU A 199 -1.70 -8.66 -14.71
C LEU A 199 -1.48 -9.98 -14.02
N THR A 200 -0.57 -10.78 -14.58
CA THR A 200 -0.25 -12.09 -14.03
C THR A 200 1.09 -12.05 -13.32
N VAL A 201 1.12 -12.57 -12.10
CA VAL A 201 2.32 -12.55 -11.28
C VAL A 201 2.91 -13.97 -11.21
N LYS A 202 4.16 -14.11 -11.63
CA LYS A 202 4.82 -15.41 -11.68
C LYS A 202 6.11 -15.41 -10.87
N LEU A 203 6.39 -16.54 -10.22
CA LEU A 203 7.70 -16.76 -9.60
C LEU A 203 8.37 -17.83 -10.44
N GLY A 204 9.29 -17.39 -11.30
CA GLY A 204 9.80 -18.23 -12.39
C GLY A 204 8.66 -18.69 -13.28
N THR A 205 8.44 -20.00 -13.33
CA THR A 205 7.38 -20.60 -14.14
C THR A 205 6.06 -20.81 -13.38
N VAL A 206 6.07 -20.54 -12.08
CA VAL A 206 4.91 -20.79 -11.21
C VAL A 206 4.02 -19.54 -11.12
N THR A 207 2.73 -19.67 -11.43
CA THR A 207 1.79 -18.54 -11.29
C THR A 207 1.37 -18.36 -9.83
N LEU A 208 1.59 -17.16 -9.29
CA LEU A 208 1.23 -16.83 -7.92
C LEU A 208 -0.18 -16.23 -7.81
N GLY A 209 -0.60 -15.50 -8.84
CA GLY A 209 -1.95 -14.91 -8.84
C GLY A 209 -2.08 -13.87 -9.93
N THR A 210 -3.19 -13.15 -9.91
CA THR A 210 -3.43 -12.03 -10.81
C THR A 210 -3.92 -10.80 -10.07
N VAL A 211 -3.74 -9.64 -10.68
CA VAL A 211 -4.31 -8.39 -10.16
C VAL A 211 -4.79 -7.56 -11.35
N ASP A 212 -5.97 -6.98 -11.22
CA ASP A 212 -6.51 -6.13 -12.26
C ASP A 212 -6.17 -4.68 -11.98
N VAL A 213 -5.46 -4.04 -12.90
CA VAL A 213 -5.31 -2.59 -12.85
C VAL A 213 -6.38 -1.94 -13.72
N GLU A 214 -6.67 -0.67 -13.48
CA GLU A 214 -7.72 0.02 -14.23
C GLU A 214 -7.20 1.29 -14.87
N VAL A 215 -7.44 1.43 -16.18
CA VAL A 215 -7.21 2.70 -16.85
C VAL A 215 -8.53 3.47 -16.84
N ILE A 216 -8.47 4.70 -16.34
CA ILE A 216 -9.62 5.62 -16.33
C ILE A 216 -9.26 6.85 -17.18
N ASP A 217 -10.24 7.71 -17.44
CA ASP A 217 -9.96 8.97 -18.10
C ASP A 217 -10.92 10.02 -17.57
N THR A 218 -10.41 10.94 -16.75
CA THR A 218 -11.29 11.91 -16.06
C THR A 218 -11.39 13.24 -16.80
N THR A 219 -10.92 13.29 -18.06
CA THR A 219 -11.00 14.52 -18.86
C THR A 219 -12.44 15.05 -18.88
CA CA B . -2.85 11.52 -16.72
CA CA C . -2.60 5.56 -9.47
CA CA D . -4.88 -5.16 -23.09
#